data_6B7R
#
_entry.id   6B7R
#
_cell.length_a   55.548
_cell.length_b   55.548
_cell.length_c   139.935
_cell.angle_alpha   90.000
_cell.angle_beta   90.000
_cell.angle_gamma   90.000
#
_symmetry.space_group_name_H-M   'P 43'
#
loop_
_entity.id
_entity.type
_entity.pdbx_description
1 polymer 'Green fluorescent protein'
2 non-polymer '2-[N-CYCLOHEXYLAMINO]ETHANE SULFONIC ACID'
3 water water
#
_entity_poly.entity_id   1
_entity_poly.type   'polypeptide(L)'
_entity_poly.pdbx_seq_one_letter_code
;MGSSHHHHHHSSGLVPGGSHMGGTSSKGEELFTGVVPILVELDGDVNGHKFSVRGEGEGDATIGKLTLKFISTTGKLPVP
WPTLVTTL(GYS)VQAFSRYPDHMKRHDFFKSAMPEGYVQERTISFKDDGKYKTRAVVKFEGDTLVNRIELKGTDFKEDG
NILGHKLEYNFNSHNVYITADKQKNGIKANFTVRHNVEDGSVQLADHYQQNTPIGDGPVLLPDNHYLSTQTKLSKDPNEK
;
_entity_poly.pdbx_strand_id   B,A
#
loop_
_chem_comp.id
_chem_comp.type
_chem_comp.name
_chem_comp.formula
NHE non-polymer '2-[N-CYCLOHEXYLAMINO]ETHANE SULFONIC ACID' 'C8 H17 N O3 S'
#
# COMPACT_ATOMS: atom_id res chain seq x y z
N SER A 3 30.11 8.03 10.51
CA SER A 3 30.84 7.26 9.50
C SER A 3 29.89 6.69 8.43
N SER A 4 30.41 5.78 7.61
CA SER A 4 29.59 5.14 6.59
C SER A 4 29.73 3.63 6.72
N HIS A 5 28.87 2.92 5.98
CA HIS A 5 28.80 1.46 6.03
C HIS A 5 28.03 0.93 4.83
N HIS A 6 28.54 -0.10 4.15
CA HIS A 6 27.87 -0.73 3.02
C HIS A 6 27.72 -2.21 3.32
N HIS A 7 26.61 -2.81 2.88
CA HIS A 7 26.62 -4.27 2.94
C HIS A 7 25.80 -4.89 1.82
N HIS A 8 26.14 -6.13 1.52
CA HIS A 8 25.45 -6.94 0.53
C HIS A 8 24.84 -8.12 1.30
N HIS A 9 23.54 -8.32 1.13
CA HIS A 9 22.82 -9.29 1.93
C HIS A 9 22.05 -10.22 1.01
N HIS A 10 22.18 -11.53 1.26
CA HIS A 10 21.46 -12.54 0.51
C HIS A 10 20.62 -13.37 1.47
N SER A 11 19.40 -13.71 1.04
CA SER A 11 18.45 -14.46 1.86
C SER A 11 17.72 -15.44 0.95
N SER A 12 17.73 -16.73 1.31
CA SER A 12 16.99 -17.71 0.52
C SER A 12 16.07 -18.50 1.44
N GLY A 13 14.86 -18.76 0.94
CA GLY A 13 13.86 -19.49 1.71
C GLY A 13 13.97 -20.99 1.50
N LEU A 14 13.90 -21.73 2.61
CA LEU A 14 14.04 -23.18 2.59
C LEU A 14 12.93 -23.77 3.44
N VAL A 15 12.03 -24.52 2.81
CA VAL A 15 10.84 -25.04 3.49
C VAL A 15 10.94 -26.56 3.55
N PRO A 16 11.04 -27.17 4.74
CA PRO A 16 11.11 -28.65 4.78
C PRO A 16 9.90 -29.36 4.18
N GLY A 17 8.69 -29.06 4.64
CA GLY A 17 7.53 -29.71 4.05
C GLY A 17 6.77 -28.76 3.14
N GLY A 18 5.47 -28.58 3.38
CA GLY A 18 4.74 -27.47 2.80
C GLY A 18 4.50 -27.55 1.31
N SER A 19 4.38 -28.76 0.76
CA SER A 19 4.25 -28.88 -0.68
C SER A 19 2.88 -28.47 -1.19
N HIS A 20 1.83 -28.50 -0.36
CA HIS A 20 0.47 -28.30 -0.85
C HIS A 20 0.30 -26.89 -1.38
N MET A 21 -0.02 -26.77 -2.66
CA MET A 21 -0.16 -25.45 -3.30
C MET A 21 1.08 -24.61 -3.07
N GLY A 22 2.24 -25.28 -2.99
CA GLY A 22 3.47 -24.59 -2.66
C GLY A 22 3.88 -23.54 -3.67
N GLY A 23 3.47 -23.73 -4.94
CA GLY A 23 3.75 -22.82 -6.02
C GLY A 23 2.83 -21.62 -6.13
N THR A 24 1.83 -21.51 -5.26
CA THR A 24 0.92 -20.37 -5.31
C THR A 24 1.62 -19.11 -4.83
N SER A 25 1.52 -18.04 -5.60
CA SER A 25 2.19 -16.80 -5.26
C SER A 25 1.17 -15.71 -4.96
N SER A 26 1.60 -14.72 -4.20
CA SER A 26 0.75 -13.61 -3.82
C SER A 26 0.75 -12.53 -4.89
N LYS A 27 -0.27 -11.65 -4.82
CA LYS A 27 -0.27 -10.49 -5.72
C LYS A 27 0.89 -9.56 -5.41
N GLY A 28 1.28 -9.43 -4.13
CA GLY A 28 2.37 -8.55 -3.77
C GLY A 28 3.69 -8.94 -4.42
N GLU A 29 3.87 -10.23 -4.72
CA GLU A 29 5.08 -10.69 -5.38
C GLU A 29 5.28 -10.02 -6.74
N GLU A 30 4.20 -9.55 -7.39
CA GLU A 30 4.32 -8.86 -8.66
C GLU A 30 5.19 -7.61 -8.56
N LEU A 31 5.27 -7.01 -7.37
CA LEU A 31 6.05 -5.81 -7.19
C LEU A 31 7.55 -6.07 -7.11
N PHE A 32 7.97 -7.34 -7.17
CA PHE A 32 9.36 -7.69 -6.91
C PHE A 32 10.01 -8.40 -8.09
N THR A 33 9.45 -8.27 -9.28
CA THR A 33 9.97 -9.00 -10.42
C THR A 33 11.25 -8.40 -10.97
N GLY A 34 11.57 -7.16 -10.59
CA GLY A 34 12.80 -6.51 -11.02
C GLY A 34 13.56 -5.88 -9.88
N VAL A 35 14.45 -4.95 -10.18
CA VAL A 35 15.25 -4.28 -9.17
C VAL A 35 14.41 -3.17 -8.53
N VAL A 36 14.38 -3.14 -7.21
CA VAL A 36 13.52 -2.21 -6.45
C VAL A 36 14.42 -1.30 -5.65
N PRO A 37 14.25 0.02 -5.74
CA PRO A 37 15.02 0.93 -4.87
C PRO A 37 14.61 0.78 -3.43
N ILE A 38 15.57 1.00 -2.53
CA ILE A 38 15.36 0.87 -1.09
C ILE A 38 15.79 2.16 -0.39
N LEU A 39 15.00 2.58 0.59
CA LEU A 39 15.37 3.68 1.47
C LEU A 39 15.24 3.19 2.90
N VAL A 40 16.30 3.36 3.69
CA VAL A 40 16.29 2.93 5.08
C VAL A 40 16.50 4.15 5.98
N GLU A 41 15.72 4.25 7.04
CA GLU A 41 15.87 5.34 8.01
C GLU A 41 15.75 4.75 9.42
N LEU A 42 16.82 4.91 10.21
CA LEU A 42 16.87 4.39 11.57
C LEU A 42 17.20 5.52 12.53
N ASP A 43 16.36 5.72 13.53
CA ASP A 43 16.70 6.58 14.67
C ASP A 43 16.81 5.68 15.89
N GLY A 44 17.94 5.76 16.60
CA GLY A 44 18.20 4.89 17.72
C GLY A 44 18.58 5.65 18.98
N ASP A 45 18.45 4.95 20.10
CA ASP A 45 18.80 5.51 21.39
C ASP A 45 19.28 4.32 22.22
N VAL A 46 20.58 4.25 22.50
CA VAL A 46 21.16 3.12 23.22
C VAL A 46 21.81 3.68 24.49
N ASN A 47 21.30 3.24 25.64
CA ASN A 47 21.77 3.76 26.93
C ASN A 47 21.75 5.29 26.96
N GLY A 48 20.80 5.87 26.22
CA GLY A 48 20.67 7.32 26.17
C GLY A 48 21.43 7.99 25.04
N HIS A 49 22.31 7.26 24.34
CA HIS A 49 23.09 7.84 23.24
C HIS A 49 22.25 7.81 21.97
N LYS A 50 21.88 8.99 21.46
CA LYS A 50 21.05 9.10 20.27
C LYS A 50 21.89 9.05 19.00
N PHE A 51 21.36 8.40 17.97
CA PHE A 51 22.03 8.35 16.67
C PHE A 51 21.01 8.15 15.57
N SER A 52 21.40 8.51 14.35
CA SER A 52 20.56 8.41 13.18
C SER A 52 21.35 7.82 12.03
N VAL A 53 20.79 6.80 11.38
CA VAL A 53 21.41 6.15 10.24
C VAL A 53 20.45 6.26 9.06
N ARG A 54 21.01 6.54 7.88
CA ARG A 54 20.21 6.65 6.67
C ARG A 54 20.87 5.81 5.57
N GLY A 55 20.05 5.08 4.83
CA GLY A 55 20.57 4.20 3.79
C GLY A 55 19.83 4.33 2.46
N GLU A 56 20.56 4.10 1.38
CA GLU A 56 20.04 4.04 0.02
C GLU A 56 20.54 2.74 -0.60
N GLY A 57 19.69 2.10 -1.39
CA GLY A 57 20.11 0.85 -1.98
C GLY A 57 19.13 0.31 -3.01
N GLU A 58 19.33 -0.95 -3.36
CA GLU A 58 18.52 -1.64 -4.34
C GLU A 58 18.41 -3.10 -3.96
N GLY A 59 17.27 -3.71 -4.24
CA GLY A 59 17.07 -5.13 -3.97
C GLY A 59 16.54 -5.85 -5.18
N ASP A 60 16.93 -7.14 -5.29
CA ASP A 60 16.53 -7.97 -6.44
C ASP A 60 16.12 -9.33 -5.88
N ALA A 61 14.83 -9.48 -5.59
CA ALA A 61 14.34 -10.72 -4.99
C ALA A 61 14.51 -11.92 -5.91
N THR A 62 14.64 -11.71 -7.23
CA THR A 62 14.82 -12.88 -8.09
C THR A 62 16.13 -13.59 -7.82
N ILE A 63 17.14 -12.89 -7.30
CA ILE A 63 18.37 -13.53 -6.87
C ILE A 63 18.55 -13.48 -5.36
N GLY A 64 17.54 -12.98 -4.62
CA GLY A 64 17.58 -12.96 -3.17
C GLY A 64 18.56 -11.99 -2.56
N LYS A 65 18.95 -10.95 -3.28
CA LYS A 65 20.09 -10.12 -2.90
C LYS A 65 19.71 -8.64 -2.82
N LEU A 66 20.28 -7.95 -1.85
CA LEU A 66 20.18 -6.50 -1.81
C LEU A 66 21.56 -5.91 -1.56
N THR A 67 21.72 -4.65 -1.94
CA THR A 67 22.90 -3.89 -1.59
C THR A 67 22.42 -2.58 -0.98
N LEU A 68 22.97 -2.22 0.18
CA LEU A 68 22.59 -1.00 0.88
C LEU A 68 23.84 -0.23 1.27
N LYS A 69 23.79 1.11 1.11
CA LYS A 69 24.87 1.99 1.49
C LYS A 69 24.34 2.95 2.55
N PHE A 70 25.03 3.01 3.70
CA PHE A 70 24.53 3.77 4.85
C PHE A 70 25.49 4.88 5.25
N ILE A 71 24.93 5.94 5.82
CA ILE A 71 25.67 6.97 6.51
C ILE A 71 25.05 7.19 7.88
N SER A 72 25.87 7.63 8.82
CA SER A 72 25.38 8.19 10.07
C SER A 72 25.29 9.70 9.90
N THR A 73 24.14 10.28 10.25
CA THR A 73 24.02 11.73 10.23
C THR A 73 24.35 12.37 11.57
N THR A 74 24.75 11.58 12.56
CA THR A 74 25.02 12.07 13.89
C THR A 74 26.45 11.77 14.34
N GLY A 75 27.34 11.45 13.40
CA GLY A 75 28.73 11.20 13.73
C GLY A 75 28.98 9.75 14.09
N LYS A 76 30.06 9.53 14.85
CA LYS A 76 30.43 8.18 15.23
C LYS A 76 29.31 7.55 16.05
N LEU A 77 28.98 6.30 15.71
CA LEU A 77 27.90 5.60 16.40
C LEU A 77 28.35 5.15 17.79
N PRO A 78 27.43 5.11 18.74
CA PRO A 78 27.74 4.53 20.05
C PRO A 78 27.80 3.01 20.07
N VAL A 79 27.38 2.35 18.99
CA VAL A 79 27.40 0.89 18.93
C VAL A 79 28.08 0.49 17.62
N PRO A 80 28.58 -0.76 17.55
CA PRO A 80 29.21 -1.21 16.31
C PRO A 80 28.20 -1.38 15.19
N TRP A 81 28.61 -1.02 13.97
CA TRP A 81 27.76 -1.25 12.82
C TRP A 81 27.26 -2.70 12.71
N PRO A 82 28.07 -3.73 12.97
CA PRO A 82 27.53 -5.10 12.87
C PRO A 82 26.30 -5.34 13.72
N THR A 83 26.15 -4.65 14.86
CA THR A 83 24.99 -4.93 15.70
C THR A 83 23.70 -4.39 15.10
N LEU A 84 23.80 -3.55 14.07
CA LEU A 84 22.64 -2.92 13.43
C LEU A 84 22.24 -3.59 12.14
N VAL A 85 23.01 -4.59 11.68
CA VAL A 85 22.78 -5.15 10.36
C VAL A 85 21.38 -5.74 10.24
N THR A 86 20.98 -6.57 11.21
CA THR A 86 19.68 -7.21 11.08
C THR A 86 18.53 -6.21 11.17
N THR A 87 18.73 -5.09 11.88
CA THR A 87 17.67 -4.08 12.00
C THR A 87 17.52 -3.31 10.69
N LEU A 88 18.64 -3.00 10.05
CA LEU A 88 18.65 -2.19 8.82
C LEU A 88 18.18 -3.02 7.63
N1 GYS A 89 18.69 -4.29 7.56
OG1 GYS A 89 20.10 -4.45 5.11
CB1 GYS A 89 19.69 -5.63 5.76
CA1 GYS A 89 18.38 -5.29 6.53
C1 GYS A 89 17.80 -6.49 7.23
N2 GYS A 89 18.40 -7.65 7.38
N3 GYS A 89 16.49 -6.48 7.77
C2 GYS A 89 16.24 -7.75 8.34
O2 GYS A 89 15.22 -8.07 8.89
CA2 GYS A 89 17.49 -8.49 8.10
CA3 GYS A 89 15.48 -5.41 7.82
CB2 GYS A 89 17.66 -9.77 8.51
CG2 GYS A 89 18.91 -10.55 8.67
CD1 GYS A 89 20.17 -10.14 8.17
CD2 GYS A 89 18.86 -11.80 9.28
CE1 GYS A 89 21.32 -10.94 8.33
CE2 GYS A 89 19.98 -12.63 9.45
CZ GYS A 89 21.21 -12.21 8.96
OH GYS A 89 22.29 -13.05 9.13
C3 GYS A 89 14.56 -5.47 6.60
O3 GYS A 89 13.37 -4.91 6.91
N VAL A 90 14.91 -5.94 5.45
CA VAL A 90 13.86 -5.88 4.45
C VAL A 90 13.78 -7.28 3.83
N GLN A 91 13.23 -8.21 4.61
CA GLN A 91 13.28 -9.62 4.22
C GLN A 91 12.36 -9.95 3.06
N ALA A 92 11.61 -8.95 2.58
CA ALA A 92 10.86 -9.10 1.34
C ALA A 92 11.75 -9.34 0.13
N PHE A 93 13.07 -9.10 0.22
CA PHE A 93 13.94 -9.41 -0.91
C PHE A 93 14.50 -10.83 -0.86
N SER A 94 14.02 -11.67 0.06
CA SER A 94 14.43 -13.07 0.03
C SER A 94 13.97 -13.77 -1.25
N ARG A 95 14.72 -14.80 -1.65
CA ARG A 95 14.36 -15.63 -2.80
C ARG A 95 13.74 -16.93 -2.31
N TYR A 96 12.45 -17.09 -2.57
CA TYR A 96 11.83 -18.39 -2.34
C TYR A 96 11.82 -19.21 -3.64
N PRO A 97 12.17 -20.49 -3.60
CA PRO A 97 12.07 -21.33 -4.81
C PRO A 97 10.65 -21.30 -5.35
N ASP A 98 10.52 -21.56 -6.65
CA ASP A 98 9.22 -21.44 -7.30
C ASP A 98 8.17 -22.31 -6.63
N HIS A 99 8.58 -23.50 -6.17
CA HIS A 99 7.62 -24.42 -5.57
C HIS A 99 7.38 -24.13 -4.09
N MET A 100 7.98 -23.07 -3.55
N MET A 100 7.95 -23.07 -3.53
CA MET A 100 7.83 -22.68 -2.15
CA MET A 100 7.67 -22.72 -2.14
C MET A 100 7.27 -21.27 -1.99
C MET A 100 7.31 -21.25 -2.00
N LYS A 101 6.89 -20.60 -3.09
CA LYS A 101 6.48 -19.20 -3.02
C LYS A 101 5.24 -18.97 -2.17
N ARG A 102 4.43 -20.00 -1.93
CA ARG A 102 3.28 -19.85 -1.03
C ARG A 102 3.68 -19.51 0.39
N HIS A 103 4.95 -19.67 0.74
CA HIS A 103 5.39 -19.45 2.12
C HIS A 103 6.03 -18.10 2.35
N ASP A 104 5.89 -17.17 1.40
CA ASP A 104 6.53 -15.84 1.44
C ASP A 104 5.53 -14.81 1.99
N PHE A 105 5.48 -14.72 3.32
CA PHE A 105 4.63 -13.72 3.96
C PHE A 105 5.03 -12.31 3.53
N PHE A 106 6.33 -12.05 3.44
CA PHE A 106 6.82 -10.68 3.35
C PHE A 106 6.30 -9.97 2.11
N LYS A 107 6.41 -10.61 0.94
CA LYS A 107 5.92 -9.94 -0.26
C LYS A 107 4.41 -9.90 -0.28
N SER A 108 3.74 -10.88 0.35
CA SER A 108 2.29 -10.92 0.29
C SER A 108 1.65 -9.73 0.99
N ALA A 109 2.34 -9.16 1.99
CA ALA A 109 1.86 -7.99 2.72
C ALA A 109 2.03 -6.69 1.95
N MET A 110 2.74 -6.71 0.83
CA MET A 110 2.99 -5.53 0.01
C MET A 110 1.82 -5.27 -0.93
N PRO A 111 1.58 -4.01 -1.31
CA PRO A 111 2.40 -2.81 -1.04
C PRO A 111 2.13 -2.10 0.28
N GLU A 112 1.03 -2.43 0.96
CA GLU A 112 0.71 -1.71 2.20
C GLU A 112 1.78 -1.93 3.26
N GLY A 113 2.37 -3.12 3.30
CA GLY A 113 3.54 -3.38 4.10
C GLY A 113 3.25 -4.12 5.40
N TYR A 114 4.29 -4.20 6.23
CA TYR A 114 4.18 -4.85 7.52
C TYR A 114 4.98 -4.07 8.57
N VAL A 115 4.58 -4.26 9.82
CA VAL A 115 5.36 -3.82 10.97
C VAL A 115 6.27 -4.95 11.38
N GLN A 116 7.56 -4.66 11.49
CA GLN A 116 8.53 -5.64 11.95
C GLN A 116 9.03 -5.19 13.31
N GLU A 117 8.79 -6.01 14.33
CA GLU A 117 9.24 -5.73 15.69
C GLU A 117 10.22 -6.80 16.13
N ARG A 118 11.26 -6.37 16.83
CA ARG A 118 12.23 -7.30 17.38
C ARG A 118 12.58 -6.92 18.81
N THR A 119 12.92 -7.94 19.59
CA THR A 119 13.78 -7.76 20.74
C THR A 119 15.04 -8.56 20.46
N ILE A 120 16.18 -7.90 20.55
CA ILE A 120 17.50 -8.51 20.34
C ILE A 120 18.20 -8.48 21.68
N SER A 121 18.42 -9.63 22.29
CA SER A 121 19.11 -9.69 23.57
C SER A 121 20.56 -10.13 23.36
N PHE A 122 21.49 -9.25 23.68
CA PHE A 122 22.90 -9.60 23.63
C PHE A 122 23.26 -10.36 24.91
N LYS A 123 23.75 -11.58 24.75
CA LYS A 123 24.00 -12.44 25.90
C LYS A 123 25.05 -11.81 26.81
N ASP A 124 24.78 -11.84 28.11
CA ASP A 124 25.62 -11.21 29.13
C ASP A 124 25.71 -9.70 28.94
N ASP A 125 24.75 -9.09 28.24
CA ASP A 125 24.80 -7.65 28.02
C ASP A 125 23.36 -7.15 27.82
N GLY A 126 23.22 -5.99 27.16
CA GLY A 126 21.93 -5.33 27.05
C GLY A 126 21.04 -5.88 25.94
N LYS A 127 20.04 -5.07 25.57
CA LYS A 127 19.03 -5.48 24.60
C LYS A 127 18.65 -4.31 23.71
N TYR A 128 18.33 -4.61 22.45
CA TYR A 128 17.65 -3.68 21.56
C TYR A 128 16.16 -4.01 21.46
N LYS A 129 15.33 -2.99 21.55
CA LYS A 129 13.93 -3.06 21.11
C LYS A 129 13.81 -2.29 19.79
N THR A 130 13.21 -2.90 18.77
CA THR A 130 13.10 -2.24 17.47
C THR A 130 11.67 -2.35 16.96
N ARG A 131 11.21 -1.28 16.33
CA ARG A 131 9.92 -1.30 15.63
C ARG A 131 10.12 -0.61 14.29
N ALA A 132 9.78 -1.32 13.21
CA ALA A 132 9.98 -0.80 11.87
C ALA A 132 8.70 -0.97 11.04
N VAL A 133 8.48 -0.02 10.14
CA VAL A 133 7.46 -0.12 9.10
C VAL A 133 8.19 -0.36 7.78
N VAL A 134 7.82 -1.45 7.09
CA VAL A 134 8.37 -1.78 5.78
C VAL A 134 7.23 -1.72 4.78
N LYS A 135 7.31 -0.81 3.82
CA LYS A 135 6.19 -0.58 2.92
C LYS A 135 6.66 0.17 1.70
N PHE A 136 5.84 0.18 0.65
CA PHE A 136 6.17 0.97 -0.53
C PHE A 136 5.72 2.42 -0.39
N GLU A 137 6.61 3.34 -0.77
CA GLU A 137 6.28 4.73 -1.01
C GLU A 137 6.61 4.99 -2.48
N GLY A 138 5.59 5.20 -3.31
CA GLY A 138 5.81 5.13 -4.74
C GLY A 138 6.47 3.81 -5.11
N ASP A 139 7.51 3.89 -5.93
CA ASP A 139 8.25 2.71 -6.38
C ASP A 139 9.33 2.26 -5.40
N THR A 140 9.52 2.96 -4.29
CA THR A 140 10.60 2.64 -3.36
C THR A 140 10.08 1.81 -2.18
N LEU A 141 10.80 0.74 -1.84
CA LEU A 141 10.52 0.04 -0.59
C LEU A 141 11.25 0.77 0.54
N VAL A 142 10.53 1.23 1.55
CA VAL A 142 11.13 1.98 2.64
C VAL A 142 11.12 1.11 3.89
N ASN A 143 12.18 1.25 4.69
CA ASN A 143 12.28 0.60 5.99
C ASN A 143 12.55 1.71 7.01
N ARG A 144 11.54 2.09 7.80
CA ARG A 144 11.69 3.16 8.77
C ARG A 144 11.62 2.57 10.17
N ILE A 145 12.67 2.77 10.96
CA ILE A 145 12.89 2.00 12.19
C ILE A 145 13.11 2.95 13.35
N GLU A 146 12.53 2.62 14.50
CA GLU A 146 12.96 3.19 15.78
C GLU A 146 13.59 2.09 16.60
N LEU A 147 14.70 2.43 17.27
CA LEU A 147 15.47 1.45 18.04
C LEU A 147 15.73 2.01 19.42
N LYS A 148 15.45 1.23 20.46
CA LYS A 148 15.75 1.65 21.82
C LYS A 148 16.57 0.56 22.49
N GLY A 149 17.80 0.87 22.85
CA GLY A 149 18.68 -0.07 23.55
C GLY A 149 18.87 0.31 25.02
N THR A 150 18.85 -0.69 25.89
CA THR A 150 18.95 -0.47 27.33
C THR A 150 19.81 -1.54 27.99
N ASP A 151 20.31 -1.23 29.18
CA ASP A 151 21.00 -2.18 30.05
C ASP A 151 22.35 -2.63 29.50
N PHE A 152 23.00 -1.84 28.66
CA PHE A 152 24.29 -2.24 28.12
C PHE A 152 25.40 -1.90 29.10
N LYS A 153 26.40 -2.79 29.17
CA LYS A 153 27.58 -2.58 29.99
C LYS A 153 28.56 -1.67 29.27
N GLU A 154 29.00 -0.61 29.95
CA GLU A 154 29.89 0.36 29.31
C GLU A 154 31.18 -0.27 28.85
N ASP A 155 31.60 -1.36 29.50
CA ASP A 155 32.84 -2.07 29.20
C ASP A 155 32.59 -3.34 28.38
N GLY A 156 31.36 -3.58 27.95
CA GLY A 156 31.02 -4.79 27.22
C GLY A 156 31.43 -4.72 25.76
N ASN A 157 31.07 -5.76 25.02
CA ASN A 157 31.51 -5.88 23.63
C ASN A 157 30.83 -4.87 22.72
N ILE A 158 29.69 -4.33 23.11
CA ILE A 158 28.90 -3.48 22.22
C ILE A 158 29.34 -2.04 22.43
N LEU A 159 29.11 -1.49 23.63
CA LEU A 159 29.56 -0.13 23.88
C LEU A 159 31.08 -0.01 23.89
N GLY A 160 31.81 -1.10 24.12
CA GLY A 160 33.25 -1.10 24.03
C GLY A 160 33.82 -1.26 22.64
N HIS A 161 32.96 -1.47 21.64
CA HIS A 161 33.37 -1.61 20.24
C HIS A 161 34.40 -2.70 20.05
N LYS A 162 34.09 -3.88 20.56
CA LYS A 162 34.99 -5.03 20.53
C LYS A 162 34.60 -6.03 19.45
N LEU A 163 33.67 -5.67 18.57
CA LEU A 163 33.19 -6.61 17.57
C LEU A 163 33.94 -6.43 16.26
N GLU A 164 34.31 -7.56 15.65
CA GLU A 164 34.93 -7.53 14.35
C GLU A 164 33.95 -7.02 13.30
N TYR A 165 34.50 -6.45 12.23
CA TYR A 165 33.72 -5.87 11.15
C TYR A 165 33.50 -6.92 10.05
N ASN A 166 32.70 -7.91 10.41
CA ASN A 166 32.32 -8.97 9.48
C ASN A 166 30.97 -9.52 9.93
N PHE A 167 30.46 -10.49 9.18
CA PHE A 167 29.13 -11.00 9.52
C PHE A 167 29.02 -12.47 9.15
N ASN A 168 28.40 -13.23 10.03
CA ASN A 168 28.25 -14.67 9.88
C ASN A 168 26.96 -14.97 9.10
N SER A 169 26.74 -16.26 8.84
CA SER A 169 25.56 -16.74 8.12
C SER A 169 24.62 -17.39 9.11
N HIS A 170 23.33 -17.08 9.00
CA HIS A 170 22.37 -17.48 10.03
C HIS A 170 21.18 -18.21 9.42
N ASN A 171 20.36 -18.77 10.31
CA ASN A 171 19.15 -19.53 9.97
C ASN A 171 17.99 -18.88 10.71
N VAL A 172 17.17 -18.13 9.97
CA VAL A 172 16.01 -17.46 10.57
C VAL A 172 14.84 -18.44 10.55
N TYR A 173 14.35 -18.83 11.74
CA TYR A 173 13.25 -19.80 11.82
C TYR A 173 11.93 -19.05 11.86
N ILE A 174 11.13 -19.19 10.79
CA ILE A 174 9.86 -18.47 10.65
C ILE A 174 8.70 -19.44 10.91
N THR A 175 7.77 -19.03 11.77
CA THR A 175 6.55 -19.77 12.02
C THR A 175 5.36 -18.82 11.90
N ALA A 176 4.20 -19.37 11.57
CA ALA A 176 3.01 -18.52 11.42
C ALA A 176 2.49 -18.11 12.79
N ASP A 177 1.90 -16.91 12.83
CA ASP A 177 1.19 -16.40 14.01
C ASP A 177 -0.22 -16.09 13.53
N LYS A 178 -1.09 -17.10 13.55
CA LYS A 178 -2.40 -16.96 12.92
C LYS A 178 -3.26 -15.91 13.62
N GLN A 179 -3.12 -15.77 14.94
CA GLN A 179 -3.93 -14.79 15.66
C GLN A 179 -3.64 -13.37 15.21
N LYS A 180 -2.39 -13.09 14.86
CA LYS A 180 -2.01 -11.74 14.41
C LYS A 180 -2.01 -11.60 12.90
N ASN A 181 -2.43 -12.65 12.17
CA ASN A 181 -2.40 -12.68 10.71
C ASN A 181 -1.01 -12.37 10.18
N GLY A 182 0.01 -12.86 10.87
CA GLY A 182 1.39 -12.59 10.49
C GLY A 182 2.31 -13.73 10.84
N ILE A 183 3.58 -13.40 11.11
CA ILE A 183 4.59 -14.41 11.39
C ILE A 183 5.39 -14.00 12.61
N LYS A 184 6.12 -14.98 13.13
CA LYS A 184 7.13 -14.74 14.13
C LYS A 184 8.40 -15.43 13.65
N ALA A 185 9.53 -15.00 14.21
CA ALA A 185 10.80 -15.60 13.83
C ALA A 185 11.74 -15.59 15.04
N ASN A 186 12.63 -16.57 15.06
CA ASN A 186 13.59 -16.75 16.14
C ASN A 186 14.92 -17.17 15.53
N PHE A 187 16.01 -16.54 15.97
CA PHE A 187 17.33 -16.97 15.56
C PHE A 187 18.34 -16.28 16.47
N THR A 188 19.56 -16.85 16.49
CA THR A 188 20.67 -16.28 17.25
C THR A 188 21.73 -15.84 16.26
N VAL A 189 22.10 -14.57 16.32
CA VAL A 189 23.18 -14.04 15.50
C VAL A 189 24.48 -14.20 16.27
N ARG A 190 25.56 -14.54 15.54
CA ARG A 190 26.89 -14.72 16.11
C ARG A 190 27.78 -13.57 15.64
N HIS A 191 28.18 -12.70 16.58
CA HIS A 191 29.09 -11.59 16.29
C HIS A 191 30.50 -11.97 16.75
N ASN A 192 31.43 -12.11 15.81
CA ASN A 192 32.80 -12.40 16.21
C ASN A 192 33.38 -11.23 16.99
N VAL A 193 34.10 -11.55 18.06
CA VAL A 193 34.74 -10.57 18.93
C VAL A 193 36.23 -10.55 18.63
N GLU A 194 36.87 -9.40 18.88
CA GLU A 194 38.28 -9.21 18.55
C GLU A 194 39.21 -10.14 19.33
N ASP A 195 38.73 -10.80 20.37
CA ASP A 195 39.55 -11.70 21.16
C ASP A 195 39.37 -13.16 20.77
N GLY A 196 38.70 -13.44 19.64
CA GLY A 196 38.44 -14.79 19.21
C GLY A 196 37.16 -15.39 19.75
N SER A 197 36.52 -14.77 20.74
CA SER A 197 35.24 -15.26 21.24
C SER A 197 34.12 -14.85 20.30
N VAL A 198 32.90 -15.30 20.61
CA VAL A 198 31.71 -14.96 19.85
C VAL A 198 30.71 -14.33 20.79
N GLN A 199 30.14 -13.19 20.38
CA GLN A 199 29.06 -12.53 21.08
C GLN A 199 27.72 -12.95 20.48
N LEU A 200 26.88 -13.57 21.29
CA LEU A 200 25.56 -14.01 20.83
C LEU A 200 24.53 -12.90 20.97
N ALA A 201 23.64 -12.82 19.98
CA ALA A 201 22.53 -11.86 19.98
C ALA A 201 21.25 -12.64 19.63
N ASP A 202 20.44 -12.93 20.64
CA ASP A 202 19.19 -13.68 20.41
C ASP A 202 18.12 -12.78 19.83
N HIS A 203 17.65 -13.10 18.63
CA HIS A 203 16.64 -12.33 17.91
C HIS A 203 15.26 -12.95 18.11
N TYR A 204 14.33 -12.14 18.59
CA TYR A 204 12.92 -12.49 18.70
C TYR A 204 12.17 -11.51 17.81
N GLN A 205 11.38 -12.02 16.87
CA GLN A 205 10.85 -11.18 15.81
C GLN A 205 9.36 -11.44 15.61
N GLN A 206 8.62 -10.37 15.29
CA GLN A 206 7.22 -10.49 14.93
C GLN A 206 6.97 -9.59 13.72
N ASN A 207 6.24 -10.09 12.72
CA ASN A 207 5.83 -9.29 11.57
C ASN A 207 4.32 -9.34 11.42
N THR A 208 3.72 -8.15 11.34
CA THR A 208 2.28 -8.02 11.35
C THR A 208 1.89 -7.18 10.15
N PRO A 209 0.96 -7.62 9.31
CA PRO A 209 0.57 -6.80 8.14
C PRO A 209 -0.06 -5.49 8.58
N ILE A 210 0.22 -4.44 7.81
CA ILE A 210 -0.45 -3.15 8.04
C ILE A 210 -1.83 -3.16 7.43
N GLY A 211 -2.00 -3.83 6.28
CA GLY A 211 -3.27 -3.83 5.60
C GLY A 211 -4.23 -4.89 6.10
N ASP A 212 -5.47 -4.82 5.61
CA ASP A 212 -6.52 -5.75 5.98
C ASP A 212 -6.75 -6.83 4.94
N GLY A 213 -5.97 -6.84 3.86
CA GLY A 213 -6.09 -7.87 2.83
C GLY A 213 -5.46 -9.18 3.27
N PRO A 214 -5.75 -10.24 2.52
CA PRO A 214 -5.18 -11.55 2.85
C PRO A 214 -3.68 -11.56 2.63
N VAL A 215 -2.99 -12.34 3.47
CA VAL A 215 -1.57 -12.53 3.35
C VAL A 215 -1.30 -14.02 3.33
N LEU A 216 -0.05 -14.37 3.03
CA LEU A 216 0.37 -15.77 3.05
C LEU A 216 0.91 -16.11 4.43
N LEU A 217 0.24 -17.03 5.14
CA LEU A 217 0.69 -17.53 6.43
C LEU A 217 1.45 -18.83 6.19
N PRO A 218 2.75 -18.86 6.40
CA PRO A 218 3.57 -19.97 5.89
C PRO A 218 3.60 -21.16 6.83
N ASP A 219 4.00 -22.30 6.28
CA ASP A 219 4.43 -23.40 7.12
C ASP A 219 5.76 -23.03 7.76
N ASN A 220 6.15 -23.79 8.78
CA ASN A 220 7.43 -23.54 9.43
C ASN A 220 8.55 -23.66 8.41
N HIS A 221 9.46 -22.69 8.38
CA HIS A 221 10.56 -22.76 7.42
C HIS A 221 11.70 -21.85 7.86
N TYR A 222 12.75 -21.79 7.05
CA TYR A 222 13.94 -21.03 7.38
C TYR A 222 14.30 -20.08 6.26
N LEU A 223 14.90 -18.94 6.64
CA LEU A 223 15.69 -18.13 5.72
C LEU A 223 17.15 -18.39 6.03
N SER A 224 17.92 -18.74 5.01
CA SER A 224 19.37 -18.89 5.13
C SER A 224 20.01 -17.60 4.64
N THR A 225 20.81 -16.96 5.51
CA THR A 225 21.31 -15.62 5.21
C THR A 225 22.82 -15.63 5.07
N GLN A 226 23.31 -14.66 4.29
CA GLN A 226 24.72 -14.36 4.12
C GLN A 226 24.84 -12.85 3.93
N THR A 227 25.83 -12.24 4.57
CA THR A 227 26.00 -10.80 4.51
C THR A 227 27.48 -10.48 4.41
N LYS A 228 27.84 -9.61 3.47
CA LYS A 228 29.19 -9.12 3.32
C LYS A 228 29.22 -7.64 3.66
N LEU A 229 30.14 -7.26 4.54
CA LEU A 229 30.26 -5.88 5.00
C LEU A 229 31.44 -5.19 4.33
N SER A 230 31.25 -3.92 4.00
CA SER A 230 32.34 -3.08 3.50
C SER A 230 32.01 -1.59 3.71
N SER B 3 -26.71 -8.31 -16.94
CA SER B 3 -26.31 -7.92 -18.29
C SER B 3 -24.84 -7.47 -18.33
N SER B 4 -24.51 -6.68 -19.36
CA SER B 4 -23.15 -6.23 -19.60
C SER B 4 -23.16 -4.72 -19.75
N HIS B 5 -21.99 -4.09 -19.55
CA HIS B 5 -21.86 -2.63 -19.63
C HIS B 5 -20.40 -2.22 -19.74
N HIS B 6 -20.09 -1.31 -20.68
CA HIS B 6 -18.75 -0.78 -20.87
C HIS B 6 -18.78 0.74 -20.80
N HIS B 7 -17.75 1.35 -20.23
CA HIS B 7 -17.67 2.79 -20.42
C HIS B 7 -16.23 3.31 -20.47
N HIS B 8 -16.10 4.48 -21.08
CA HIS B 8 -14.86 5.21 -21.20
C HIS B 8 -15.04 6.51 -20.43
N HIS B 9 -14.16 6.76 -19.47
CA HIS B 9 -14.30 7.89 -18.57
C HIS B 9 -13.04 8.74 -18.62
N HIS B 10 -13.23 10.06 -18.74
CA HIS B 10 -12.14 11.00 -18.72
C HIS B 10 -12.34 11.99 -17.59
N SER B 11 -11.25 12.35 -16.91
CA SER B 11 -11.31 13.27 -15.78
C SER B 11 -10.06 14.15 -15.81
N SER B 12 -10.25 15.48 -15.80
CA SER B 12 -9.11 16.38 -15.75
C SER B 12 -9.27 17.38 -14.61
N GLY B 13 -8.17 17.64 -13.91
CA GLY B 13 -8.18 18.53 -12.77
C GLY B 13 -7.96 19.98 -13.18
N LEU B 14 -8.75 20.87 -12.58
CA LEU B 14 -8.75 22.28 -12.93
C LEU B 14 -8.76 23.09 -11.64
N VAL B 15 -7.69 23.84 -11.40
CA VAL B 15 -7.48 24.49 -10.11
C VAL B 15 -7.46 26.00 -10.35
N PRO B 16 -8.41 26.77 -9.81
CA PRO B 16 -8.41 28.23 -10.07
C PRO B 16 -7.20 28.95 -9.52
N GLY B 17 -6.82 28.73 -8.26
CA GLY B 17 -5.63 29.36 -7.72
C GLY B 17 -4.53 28.34 -7.54
N GLY B 18 -3.98 28.25 -6.32
CA GLY B 18 -3.16 27.11 -5.93
C GLY B 18 -1.79 27.03 -6.59
N SER B 19 -1.19 28.17 -6.93
CA SER B 19 0.06 28.13 -7.67
C SER B 19 1.25 27.78 -6.78
N HIS B 20 1.18 28.02 -5.47
CA HIS B 20 2.36 27.84 -4.62
C HIS B 20 2.76 26.37 -4.60
N MET B 21 3.97 26.10 -5.10
CA MET B 21 4.49 24.73 -5.18
C MET B 21 3.54 23.82 -5.94
N GLY B 22 2.82 24.40 -6.91
CA GLY B 22 1.79 23.64 -7.60
C GLY B 22 2.33 22.47 -8.38
N GLY B 23 3.59 22.54 -8.80
CA GLY B 23 4.23 21.46 -9.55
C GLY B 23 4.77 20.32 -8.72
N THR B 24 4.70 20.40 -7.39
CA THR B 24 5.19 19.33 -6.53
C THR B 24 4.30 18.10 -6.66
N SER B 25 4.91 16.94 -6.91
CA SER B 25 4.16 15.71 -7.08
C SER B 25 4.41 14.76 -5.91
N SER B 26 3.45 13.87 -5.68
CA SER B 26 3.57 12.90 -4.61
C SER B 26 4.36 11.67 -5.08
N LYS B 27 4.87 10.91 -4.11
CA LYS B 27 5.51 9.63 -4.43
C LYS B 27 4.53 8.68 -5.10
N GLY B 28 3.27 8.71 -4.66
CA GLY B 28 2.26 7.82 -5.24
C GLY B 28 2.06 8.05 -6.73
N GLU B 29 2.33 9.26 -7.21
CA GLU B 29 2.15 9.54 -8.64
C GLU B 29 3.05 8.66 -9.49
N GLU B 30 4.17 8.17 -8.93
CA GLU B 30 5.09 7.30 -9.65
C GLU B 30 4.40 6.02 -10.14
N LEU B 31 3.34 5.59 -9.45
CA LEU B 31 2.66 4.36 -9.82
C LEU B 31 1.74 4.54 -11.02
N PHE B 32 1.61 5.75 -11.54
CA PHE B 32 0.61 6.05 -12.57
C PHE B 32 1.25 6.54 -13.87
N THR B 33 2.54 6.29 -14.07
CA THR B 33 3.22 6.78 -15.26
C THR B 33 2.86 6.00 -16.52
N GLY B 34 2.31 4.80 -16.38
CA GLY B 34 1.91 3.99 -17.51
C GLY B 34 0.49 3.49 -17.39
N VAL B 35 0.13 2.50 -18.19
CA VAL B 35 -1.21 1.95 -18.16
C VAL B 35 -1.32 0.98 -16.99
N VAL B 36 -2.36 1.16 -16.17
CA VAL B 36 -2.55 0.39 -14.95
C VAL B 36 -3.80 -0.47 -15.10
N PRO B 37 -3.73 -1.77 -14.81
CA PRO B 37 -4.95 -2.59 -14.81
C PRO B 37 -5.86 -2.25 -13.64
N ILE B 38 -7.16 -2.41 -13.88
CA ILE B 38 -8.18 -2.08 -12.88
C ILE B 38 -9.06 -3.31 -12.66
N LEU B 39 -9.43 -3.53 -11.40
CA LEU B 39 -10.43 -4.51 -11.02
C LEU B 39 -11.49 -3.78 -10.21
N VAL B 40 -12.76 -3.92 -10.58
CA VAL B 40 -13.87 -3.32 -9.83
C VAL B 40 -14.78 -4.44 -9.32
N GLU B 41 -15.17 -4.36 -8.04
CA GLU B 41 -16.14 -5.27 -7.46
C GLU B 41 -17.18 -4.47 -6.69
N LEU B 42 -18.45 -4.61 -7.07
CA LEU B 42 -19.55 -3.92 -6.41
C LEU B 42 -20.58 -4.94 -5.95
N ASP B 43 -20.90 -4.93 -4.66
CA ASP B 43 -22.07 -5.66 -4.14
C ASP B 43 -23.07 -4.62 -3.65
N GLY B 44 -24.30 -4.69 -4.17
CA GLY B 44 -25.31 -3.71 -3.84
C GLY B 44 -26.60 -4.34 -3.34
N ASP B 45 -27.36 -3.52 -2.65
CA ASP B 45 -28.67 -3.90 -2.13
C ASP B 45 -29.51 -2.63 -2.22
N VAL B 46 -30.52 -2.64 -3.08
CA VAL B 46 -31.36 -1.45 -3.30
C VAL B 46 -32.80 -1.85 -3.05
N ASN B 47 -33.43 -1.22 -2.06
CA ASN B 47 -34.77 -1.57 -1.62
C ASN B 47 -34.90 -3.07 -1.35
N GLY B 48 -33.80 -3.70 -0.96
CA GLY B 48 -33.77 -5.12 -0.70
C GLY B 48 -33.35 -6.00 -1.86
N HIS B 49 -33.26 -5.45 -3.07
CA HIS B 49 -32.86 -6.22 -4.25
C HIS B 49 -31.34 -6.28 -4.32
N LYS B 50 -30.78 -7.48 -4.19
CA LYS B 50 -29.33 -7.66 -4.17
C LYS B 50 -28.78 -7.88 -5.57
N PHE B 51 -27.57 -7.35 -5.82
CA PHE B 51 -26.93 -7.51 -7.11
C PHE B 51 -25.42 -7.38 -6.95
N SER B 52 -24.69 -7.98 -7.90
CA SER B 52 -23.24 -7.97 -7.89
C SER B 52 -22.74 -7.58 -9.28
N VAL B 53 -21.83 -6.63 -9.32
CA VAL B 53 -21.23 -6.17 -10.57
C VAL B 53 -19.73 -6.39 -10.47
N ARG B 54 -19.12 -6.87 -11.56
CA ARG B 54 -17.67 -7.05 -11.59
C ARG B 54 -17.12 -6.42 -12.86
N GLY B 55 -16.01 -5.72 -12.74
CA GLY B 55 -15.40 -5.03 -13.87
C GLY B 55 -13.91 -5.28 -14.00
N GLU B 56 -13.46 -5.24 -15.26
CA GLU B 56 -12.03 -5.31 -15.62
C GLU B 56 -11.72 -4.18 -16.56
N GLY B 57 -10.55 -3.57 -16.40
CA GLY B 57 -10.20 -2.48 -17.30
C GLY B 57 -8.77 -2.01 -17.13
N GLU B 58 -8.53 -0.80 -17.65
CA GLU B 58 -7.20 -0.20 -17.66
C GLU B 58 -7.36 1.30 -17.55
N GLY B 59 -6.43 1.96 -16.86
CA GLY B 59 -6.43 3.40 -16.78
C GLY B 59 -5.09 3.98 -17.17
N ASP B 60 -5.13 5.19 -17.73
CA ASP B 60 -3.91 5.89 -18.12
C ASP B 60 -4.04 7.33 -17.64
N ALA B 61 -3.50 7.61 -16.45
CA ALA B 61 -3.64 8.94 -15.90
C ALA B 61 -2.90 10.01 -16.69
N THR B 62 -1.91 9.63 -17.51
CA THR B 62 -1.23 10.65 -18.32
C THR B 62 -2.17 11.31 -19.30
N ILE B 63 -3.22 10.60 -19.75
CA ILE B 63 -4.25 11.21 -20.58
C ILE B 63 -5.58 11.34 -19.87
N GLY B 64 -5.64 11.01 -18.58
CA GLY B 64 -6.84 11.19 -17.78
C GLY B 64 -7.97 10.23 -18.08
N LYS B 65 -7.70 9.07 -18.67
CA LYS B 65 -8.75 8.24 -19.23
C LYS B 65 -8.68 6.83 -18.68
N LEU B 66 -9.85 6.21 -18.51
CA LEU B 66 -9.93 4.79 -18.20
C LEU B 66 -10.98 4.14 -19.08
N THR B 67 -10.84 2.85 -19.27
CA THR B 67 -11.87 2.05 -19.93
C THR B 67 -12.19 0.88 -19.00
N LEU B 68 -13.47 0.65 -18.73
CA LEU B 68 -13.89 -0.45 -17.87
C LEU B 68 -14.99 -1.24 -18.55
N LYS B 69 -14.92 -2.57 -18.42
CA LYS B 69 -15.93 -3.49 -18.95
C LYS B 69 -16.53 -4.25 -17.78
N PHE B 70 -17.86 -4.22 -17.66
CA PHE B 70 -18.55 -4.77 -16.51
C PHE B 70 -19.51 -5.89 -16.90
N ILE B 71 -19.74 -6.78 -15.95
CA ILE B 71 -20.80 -7.78 -16.05
C ILE B 71 -21.56 -7.77 -14.74
N SER B 72 -22.83 -8.14 -14.80
CA SER B 72 -23.58 -8.53 -13.61
C SER B 72 -23.46 -10.04 -13.45
N THR B 73 -23.13 -10.47 -12.25
CA THR B 73 -23.13 -11.90 -11.96
C THR B 73 -24.46 -12.37 -11.37
N THR B 74 -25.42 -11.47 -11.20
CA THR B 74 -26.69 -11.80 -10.60
C THR B 74 -27.86 -11.57 -11.55
N GLY B 75 -27.60 -11.45 -12.85
CA GLY B 75 -28.68 -11.25 -13.81
C GLY B 75 -29.04 -9.78 -13.96
N LYS B 76 -30.23 -9.54 -14.50
CA LYS B 76 -30.71 -8.18 -14.70
C LYS B 76 -30.66 -7.40 -13.40
N LEU B 77 -30.13 -6.16 -13.47
CA LEU B 77 -29.99 -5.27 -12.33
C LEU B 77 -31.34 -4.66 -11.95
N PRO B 78 -31.55 -4.41 -10.66
CA PRO B 78 -32.77 -3.70 -10.23
C PRO B 78 -32.73 -2.21 -10.48
N VAL B 79 -31.58 -1.67 -10.89
CA VAL B 79 -31.41 -0.23 -11.14
C VAL B 79 -30.72 -0.06 -12.49
N PRO B 80 -30.85 1.11 -13.11
CA PRO B 80 -30.19 1.32 -14.40
C PRO B 80 -28.68 1.44 -14.25
N TRP B 81 -27.95 0.89 -15.23
CA TRP B 81 -26.51 1.03 -15.23
C TRP B 81 -26.04 2.49 -15.10
N PRO B 82 -26.66 3.49 -15.74
CA PRO B 82 -26.17 4.86 -15.52
C PRO B 82 -26.13 5.29 -14.06
N THR B 83 -27.01 4.79 -13.20
CA THR B 83 -26.98 5.27 -11.82
C THR B 83 -25.78 4.74 -11.05
N LEU B 84 -25.04 3.78 -11.61
CA LEU B 84 -23.90 3.16 -10.96
C LEU B 84 -22.56 3.67 -11.46
N VAL B 85 -22.57 4.53 -12.49
CA VAL B 85 -21.33 4.92 -13.15
C VAL B 85 -20.37 5.58 -12.15
N THR B 86 -20.86 6.53 -11.37
CA THR B 86 -19.95 7.25 -10.49
C THR B 86 -19.42 6.37 -9.37
N THR B 87 -20.19 5.34 -8.97
CA THR B 87 -19.73 4.43 -7.93
C THR B 87 -18.66 3.48 -8.45
N LEU B 88 -18.84 3.00 -9.66
CA LEU B 88 -17.91 2.07 -10.29
C LEU B 88 -16.64 2.78 -10.72
N1 GYS B 89 -16.80 3.99 -11.32
OG1 GYS B 89 -15.57 3.80 -13.92
CB1 GYS B 89 -15.86 5.03 -13.32
CA1 GYS B 89 -15.70 4.83 -11.78
C1 GYS B 89 -15.82 6.15 -11.06
N2 GYS B 89 -16.24 7.28 -11.60
N3 GYS B 89 -15.48 6.29 -9.69
C2 GYS B 89 -15.71 7.66 -9.31
O2 GYS B 89 -15.53 8.11 -8.21
CA2 GYS B 89 -16.22 8.28 -10.56
CA3 GYS B 89 -15.00 5.31 -8.72
CB2 GYS B 89 -16.56 9.57 -10.61
CG2 GYS B 89 -17.34 10.28 -11.67
CD1 GYS B 89 -17.71 9.71 -12.90
CD2 GYS B 89 -17.74 11.61 -11.46
CE1 GYS B 89 -18.43 10.41 -13.87
CE2 GYS B 89 -18.45 12.35 -12.41
CZ GYS B 89 -18.79 11.75 -13.62
OH GYS B 89 -19.46 12.50 -14.53
C3 GYS B 89 -13.49 5.32 -8.67
O3 GYS B 89 -13.09 4.90 -7.45
N VAL B 90 -12.73 5.61 -9.65
CA VAL B 90 -11.30 5.44 -9.47
C VAL B 90 -10.65 6.75 -9.92
N GLN B 91 -10.85 7.80 -9.11
CA GLN B 91 -10.50 9.15 -9.55
C GLN B 91 -9.01 9.40 -9.51
N ALA B 92 -8.24 8.41 -9.06
CA ALA B 92 -6.81 8.44 -9.20
C ALA B 92 -6.34 8.47 -10.66
N PHE B 93 -7.21 8.15 -11.63
CA PHE B 93 -6.80 8.21 -13.03
C PHE B 93 -7.05 9.58 -13.64
N SER B 94 -7.42 10.56 -12.83
CA SER B 94 -7.55 11.92 -13.34
C SER B 94 -6.20 12.47 -13.81
N ARG B 95 -6.24 13.35 -14.81
CA ARG B 95 -5.04 14.04 -15.28
C ARG B 95 -5.01 15.45 -14.68
N TYR B 96 -4.03 15.70 -13.82
CA TYR B 96 -3.78 17.07 -13.39
C TYR B 96 -2.66 17.69 -14.23
N PRO B 97 -2.80 18.93 -14.69
CA PRO B 97 -1.69 19.60 -15.38
C PRO B 97 -0.44 19.60 -14.51
N ASP B 98 0.72 19.64 -15.17
CA ASP B 98 1.99 19.52 -14.46
C ASP B 98 2.12 20.58 -13.37
N HIS B 99 1.59 21.78 -13.60
CA HIS B 99 1.72 22.85 -12.62
C HIS B 99 0.65 22.81 -11.53
N MET B 100 -0.21 21.79 -11.52
N MET B 100 -0.22 21.79 -11.55
CA MET B 100 -1.20 21.65 -10.44
CA MET B 100 -1.29 21.59 -10.58
C MET B 100 -1.19 20.24 -9.87
C MET B 100 -1.18 20.26 -9.85
N LYS B 101 -0.11 19.49 -10.06
CA LYS B 101 -0.04 18.13 -9.54
C LYS B 101 0.01 18.09 -8.01
N ARG B 102 0.35 19.19 -7.35
CA ARG B 102 0.30 19.28 -5.90
C ARG B 102 -1.12 19.09 -5.36
N HIS B 103 -2.14 19.20 -6.21
CA HIS B 103 -3.52 19.14 -5.76
C HIS B 103 -4.18 17.79 -5.97
N ASP B 104 -3.39 16.75 -6.28
CA ASP B 104 -3.89 15.40 -6.56
C ASP B 104 -3.84 14.55 -5.29
N PHE B 105 -4.89 14.64 -4.48
CA PHE B 105 -4.96 13.79 -3.29
C PHE B 105 -4.94 12.31 -3.67
N PHE B 106 -5.66 11.96 -4.75
CA PHE B 106 -5.97 10.55 -5.01
C PHE B 106 -4.72 9.71 -5.20
N LYS B 107 -3.79 10.15 -6.05
CA LYS B 107 -2.57 9.38 -6.25
C LYS B 107 -1.65 9.43 -5.04
N SER B 108 -1.69 10.53 -4.28
CA SER B 108 -0.80 10.66 -3.12
C SER B 108 -1.10 9.61 -2.06
N ALA B 109 -2.35 9.14 -2.00
CA ALA B 109 -2.74 8.13 -1.02
C ALA B 109 -2.33 6.72 -1.41
N MET B 110 -1.83 6.54 -2.63
CA MET B 110 -1.37 5.25 -3.14
C MET B 110 0.07 4.97 -2.71
N PRO B 111 0.42 3.68 -2.55
CA PRO B 111 -0.38 2.50 -2.92
C PRO B 111 -1.34 1.98 -1.85
N GLU B 112 -1.21 2.45 -0.61
CA GLU B 112 -2.10 1.96 0.46
C GLU B 112 -3.56 2.23 0.15
N GLY B 113 -3.84 3.39 -0.46
CA GLY B 113 -5.15 3.68 -1.01
C GLY B 113 -5.99 4.58 -0.11
N TYR B 114 -7.25 4.71 -0.50
CA TYR B 114 -8.19 5.52 0.26
C TYR B 114 -9.54 4.83 0.36
N VAL B 115 -10.31 5.24 1.37
CA VAL B 115 -11.71 4.89 1.48
C VAL B 115 -12.53 5.98 0.81
N GLN B 116 -13.38 5.61 -0.14
CA GLN B 116 -14.26 6.57 -0.79
C GLN B 116 -15.68 6.28 -0.35
N GLU B 117 -16.30 7.24 0.31
CA GLU B 117 -17.68 7.12 0.79
C GLU B 117 -18.54 8.16 0.12
N ARG B 118 -19.74 7.77 -0.28
CA ARG B 118 -20.69 8.72 -0.85
C ARG B 118 -22.08 8.50 -0.26
N THR B 119 -22.83 9.59 -0.22
CA THR B 119 -24.29 9.51 -0.26
C THR B 119 -24.74 10.18 -1.54
N ILE B 120 -25.56 9.47 -2.32
CA ILE B 120 -26.09 9.95 -3.59
C ILE B 120 -27.59 10.04 -3.38
N SER B 121 -28.14 11.26 -3.37
CA SER B 121 -29.57 11.42 -3.22
C SER B 121 -30.20 11.74 -4.56
N PHE B 122 -31.11 10.88 -5.02
CA PHE B 122 -31.85 11.12 -6.24
C PHE B 122 -33.03 12.04 -5.92
N LYS B 123 -33.07 13.18 -6.60
CA LYS B 123 -34.14 14.15 -6.35
C LYS B 123 -35.51 13.51 -6.50
N ASP B 124 -36.38 13.78 -5.52
CA ASP B 124 -37.73 13.22 -5.45
C ASP B 124 -37.73 11.68 -5.44
N ASP B 125 -36.66 11.08 -4.96
CA ASP B 125 -36.61 9.62 -4.93
C ASP B 125 -35.68 9.19 -3.79
N GLY B 126 -35.12 7.98 -3.90
CA GLY B 126 -34.32 7.42 -2.84
C GLY B 126 -32.87 7.87 -2.84
N LYS B 127 -32.03 7.09 -2.17
CA LYS B 127 -30.62 7.42 -2.01
C LYS B 127 -29.76 6.16 -2.03
N TYR B 128 -28.53 6.31 -2.51
CA TYR B 128 -27.48 5.31 -2.34
C TYR B 128 -26.51 5.75 -1.25
N LYS B 129 -26.12 4.81 -0.40
CA LYS B 129 -24.95 4.94 0.47
C LYS B 129 -23.89 3.99 -0.06
N THR B 130 -22.68 4.50 -0.31
CA THR B 130 -21.62 3.67 -0.85
C THR B 130 -20.36 3.80 -0.02
N ARG B 131 -19.66 2.69 0.14
CA ARG B 131 -18.35 2.68 0.78
C ARG B 131 -17.43 1.81 -0.05
N ALA B 132 -16.31 2.39 -0.49
CA ALA B 132 -15.38 1.70 -1.36
C ALA B 132 -13.96 1.82 -0.82
N VAL B 133 -13.16 0.79 -1.05
CA VAL B 133 -11.73 0.81 -0.83
C VAL B 133 -11.06 0.83 -2.20
N VAL B 134 -10.20 1.82 -2.44
CA VAL B 134 -9.46 1.94 -3.69
C VAL B 134 -7.98 1.85 -3.34
N LYS B 135 -7.31 0.80 -3.84
CA LYS B 135 -5.94 0.54 -3.42
C LYS B 135 -5.29 -0.41 -4.41
N PHE B 136 -3.96 -0.48 -4.34
CA PHE B 136 -3.24 -1.46 -5.16
C PHE B 136 -3.22 -2.84 -4.53
N GLU B 137 -3.51 -3.85 -5.34
CA GLU B 137 -3.22 -5.24 -5.03
C GLU B 137 -2.23 -5.69 -6.10
N GLY B 138 -0.99 -5.94 -5.69
CA GLY B 138 0.08 -6.07 -6.67
C GLY B 138 0.09 -4.88 -7.62
N ASP B 139 0.12 -5.16 -8.92
CA ASP B 139 0.14 -4.11 -9.93
C ASP B 139 -1.24 -3.59 -10.32
N THR B 140 -2.32 -4.13 -9.77
CA THR B 140 -3.69 -3.78 -10.15
C THR B 140 -4.28 -2.77 -9.15
N LEU B 141 -4.90 -1.72 -9.67
CA LEU B 141 -5.70 -0.84 -8.81
C LEU B 141 -7.09 -1.45 -8.67
N VAL B 142 -7.51 -1.73 -7.44
CA VAL B 142 -8.80 -2.38 -7.22
C VAL B 142 -9.75 -1.36 -6.60
N ASN B 143 -11.02 -1.45 -6.99
CA ASN B 143 -12.09 -0.64 -6.40
C ASN B 143 -13.13 -1.62 -5.90
N ARG B 144 -13.23 -1.79 -4.58
CA ARG B 144 -14.16 -2.75 -3.97
C ARG B 144 -15.21 -1.97 -3.18
N ILE B 145 -16.48 -2.15 -3.55
CA ILE B 145 -17.56 -1.26 -3.15
C ILE B 145 -18.70 -2.06 -2.54
N GLU B 146 -19.26 -1.54 -1.45
CA GLU B 146 -20.56 -1.93 -0.96
C GLU B 146 -21.54 -0.79 -1.18
N LEU B 147 -22.74 -1.11 -1.64
CA LEU B 147 -23.75 -0.08 -1.92
C LEU B 147 -25.05 -0.47 -1.23
N LYS B 148 -25.66 0.48 -0.52
CA LYS B 148 -26.98 0.24 0.05
C LYS B 148 -27.92 1.35 -0.40
N GLY B 149 -28.97 0.98 -1.13
CA GLY B 149 -29.99 1.93 -1.58
C GLY B 149 -31.29 1.72 -0.82
N THR B 150 -31.94 2.82 -0.46
CA THR B 150 -33.16 2.79 0.33
C THR B 150 -34.12 3.88 -0.15
N ASP B 151 -35.39 3.72 0.18
CA ASP B 151 -36.43 4.74 0.00
C ASP B 151 -36.76 5.02 -1.46
N PHE B 152 -36.47 4.09 -2.36
CA PHE B 152 -36.78 4.33 -3.76
C PHE B 152 -38.24 4.05 -4.05
N LYS B 153 -38.81 4.85 -4.95
CA LYS B 153 -40.19 4.67 -5.38
C LYS B 153 -40.25 3.57 -6.44
N GLU B 154 -41.08 2.55 -6.21
CA GLU B 154 -41.22 1.50 -7.22
C GLU B 154 -41.65 2.07 -8.56
N ASP B 155 -42.32 3.22 -8.54
CA ASP B 155 -42.84 3.94 -9.70
C ASP B 155 -41.85 4.91 -10.32
N GLY B 156 -40.72 5.18 -9.68
CA GLY B 156 -39.84 6.28 -10.05
C GLY B 156 -38.92 5.95 -11.21
N ASN B 157 -38.04 6.91 -11.51
CA ASN B 157 -37.17 6.81 -12.67
C ASN B 157 -36.11 5.72 -12.52
N ILE B 158 -35.78 5.36 -11.28
CA ILE B 158 -34.67 4.43 -11.04
C ILE B 158 -35.18 3.00 -11.06
N LEU B 159 -36.05 2.66 -10.11
CA LEU B 159 -36.62 1.31 -10.11
C LEU B 159 -37.49 1.05 -11.33
N GLY B 160 -38.03 2.10 -11.96
CA GLY B 160 -38.80 1.94 -13.17
C GLY B 160 -37.99 1.92 -14.46
N HIS B 161 -36.66 2.04 -14.38
CA HIS B 161 -35.77 2.00 -15.54
C HIS B 161 -36.19 2.98 -16.63
N LYS B 162 -36.32 4.26 -16.24
CA LYS B 162 -36.75 5.30 -17.16
C LYS B 162 -35.59 6.20 -17.59
N LEU B 163 -34.35 5.80 -17.30
CA LEU B 163 -33.20 6.65 -17.61
C LEU B 163 -32.58 6.24 -18.93
N GLU B 164 -32.21 7.24 -19.74
CA GLU B 164 -31.53 6.98 -20.99
C GLU B 164 -30.14 6.40 -20.73
N TYR B 165 -29.66 5.63 -21.72
CA TYR B 165 -28.36 4.97 -21.61
C TYR B 165 -27.28 5.88 -22.19
N ASN B 166 -27.04 6.98 -21.47
CA ASN B 166 -26.01 7.94 -21.84
C ASN B 166 -25.53 8.63 -20.57
N PHE B 167 -24.56 9.53 -20.70
CA PHE B 167 -23.99 10.16 -19.52
C PHE B 167 -23.55 11.57 -19.84
N ASN B 168 -23.81 12.47 -18.91
CA ASN B 168 -23.49 13.89 -19.07
C ASN B 168 -22.10 14.17 -18.50
N SER B 169 -21.65 15.41 -18.66
CA SER B 169 -20.35 15.86 -18.20
C SER B 169 -20.55 16.71 -16.95
N HIS B 170 -19.76 16.46 -15.91
CA HIS B 170 -20.02 17.09 -14.61
C HIS B 170 -18.78 17.79 -14.10
N ASN B 171 -18.98 18.55 -13.01
CA ASN B 171 -17.93 19.33 -12.35
C ASN B 171 -17.87 18.87 -10.90
N VAL B 172 -16.85 18.10 -10.56
CA VAL B 172 -16.69 17.58 -9.21
C VAL B 172 -15.94 18.62 -8.40
N TYR B 173 -16.58 19.19 -7.37
CA TYR B 173 -15.94 20.24 -6.56
C TYR B 173 -15.27 19.61 -5.36
N ILE B 174 -13.93 19.65 -5.34
CA ILE B 174 -13.12 19.01 -4.30
C ILE B 174 -12.59 20.07 -3.36
N THR B 175 -12.77 19.85 -2.05
CA THR B 175 -12.18 20.68 -1.02
C THR B 175 -11.43 19.79 -0.03
N ALA B 176 -10.45 20.37 0.65
CA ALA B 176 -9.70 19.59 1.64
C ALA B 176 -10.52 19.44 2.91
N ASP B 177 -10.31 18.30 3.58
CA ASP B 177 -10.89 18.00 4.89
C ASP B 177 -9.71 17.72 5.80
N LYS B 178 -9.12 18.78 6.35
CA LYS B 178 -7.85 18.64 7.05
C LYS B 178 -7.98 17.75 8.28
N GLN B 179 -9.12 17.82 8.98
CA GLN B 179 -9.26 17.02 10.20
C GLN B 179 -9.22 15.53 9.91
N LYS B 180 -9.68 15.11 8.74
CA LYS B 180 -9.64 13.71 8.35
C LYS B 180 -8.42 13.38 7.50
N ASN B 181 -7.54 14.35 7.25
CA ASN B 181 -6.37 14.15 6.40
C ASN B 181 -6.77 13.68 5.01
N GLY B 182 -7.89 14.19 4.52
CA GLY B 182 -8.45 13.73 3.25
C GLY B 182 -9.17 14.83 2.52
N ILE B 183 -10.17 14.45 1.73
CA ILE B 183 -10.90 15.43 0.93
C ILE B 183 -12.40 15.16 1.02
N LYS B 184 -13.15 16.18 0.63
CA LYS B 184 -14.57 16.04 0.37
C LYS B 184 -14.84 16.50 -1.06
N ALA B 185 -15.98 16.06 -1.59
CA ALA B 185 -16.40 16.51 -2.90
C ALA B 185 -17.92 16.60 -2.96
N ASN B 186 -18.41 17.53 -3.78
CA ASN B 186 -19.83 17.75 -3.96
C ASN B 186 -20.10 18.02 -5.44
N PHE B 187 -21.13 17.40 -5.98
CA PHE B 187 -21.56 17.69 -7.34
C PHE B 187 -22.93 17.08 -7.56
N THR B 188 -23.62 17.58 -8.58
CA THR B 188 -24.91 17.04 -8.99
C THR B 188 -24.77 16.40 -10.35
N VAL B 189 -25.11 15.12 -10.44
CA VAL B 189 -25.13 14.38 -11.70
C VAL B 189 -26.52 14.56 -12.32
N ARG B 190 -26.55 14.71 -13.64
CA ARG B 190 -27.78 14.87 -14.41
C ARG B 190 -27.97 13.60 -15.24
N HIS B 191 -29.02 12.83 -14.92
CA HIS B 191 -29.39 11.65 -15.70
C HIS B 191 -30.55 12.01 -16.61
N ASN B 192 -30.33 11.96 -17.93
CA ASN B 192 -31.45 12.19 -18.85
C ASN B 192 -32.50 11.11 -18.67
N VAL B 193 -33.76 11.52 -18.70
CA VAL B 193 -34.90 10.62 -18.56
C VAL B 193 -35.55 10.41 -19.93
N GLU B 194 -36.17 9.24 -20.10
CA GLU B 194 -36.84 8.86 -21.35
C GLU B 194 -37.85 9.88 -21.86
N ASP B 195 -38.38 10.75 -20.98
CA ASP B 195 -39.43 11.68 -21.36
C ASP B 195 -38.92 13.08 -21.66
N GLY B 196 -37.61 13.25 -21.80
CA GLY B 196 -37.03 14.56 -22.02
C GLY B 196 -36.67 15.32 -20.76
N SER B 197 -37.12 14.87 -19.59
CA SER B 197 -36.75 15.52 -18.34
C SER B 197 -35.35 15.06 -17.90
N VAL B 198 -34.89 15.62 -16.78
CA VAL B 198 -33.59 15.29 -16.20
C VAL B 198 -33.80 14.83 -14.77
N GLN B 199 -33.19 13.71 -14.40
CA GLN B 199 -33.18 13.21 -13.03
C GLN B 199 -31.89 13.64 -12.33
N LEU B 200 -32.02 14.44 -11.28
CA LEU B 200 -30.85 14.90 -10.54
C LEU B 200 -30.42 13.88 -9.49
N ALA B 201 -29.11 13.75 -9.30
CA ALA B 201 -28.51 12.88 -8.29
C ALA B 201 -27.43 13.67 -7.54
N ASP B 202 -27.76 14.17 -6.36
CA ASP B 202 -26.81 14.97 -5.59
C ASP B 202 -25.78 14.05 -4.95
N HIS B 203 -24.51 14.23 -5.30
CA HIS B 203 -23.40 13.43 -4.78
C HIS B 203 -22.71 14.17 -3.64
N TYR B 204 -22.61 13.51 -2.48
CA TYR B 204 -21.81 13.97 -1.35
C TYR B 204 -20.71 12.94 -1.12
N GLN B 205 -19.46 13.37 -1.13
CA GLN B 205 -18.34 12.44 -1.19
C GLN B 205 -17.29 12.77 -0.12
N GLN B 206 -16.71 11.72 0.46
CA GLN B 206 -15.57 11.87 1.36
C GLN B 206 -14.52 10.85 0.98
N ASN B 207 -13.25 11.26 0.89
CA ASN B 207 -12.13 10.35 0.68
C ASN B 207 -11.16 10.46 1.83
N THR B 208 -10.79 9.31 2.42
CA THR B 208 -9.95 9.27 3.60
C THR B 208 -8.81 8.31 3.34
N PRO B 209 -7.55 8.70 3.53
CA PRO B 209 -6.44 7.77 3.31
C PRO B 209 -6.53 6.56 4.24
N ILE B 210 -6.13 5.41 3.73
CA ILE B 210 -6.03 4.21 4.57
C ILE B 210 -4.72 4.23 5.35
N GLY B 211 -3.63 4.67 4.73
CA GLY B 211 -2.35 4.67 5.39
C GLY B 211 -2.11 5.90 6.27
N ASP B 212 -0.99 5.86 6.98
CA ASP B 212 -0.60 6.93 7.90
C ASP B 212 0.42 7.89 7.30
N GLY B 213 0.81 7.70 6.04
CA GLY B 213 1.79 8.58 5.41
C GLY B 213 1.19 9.90 5.01
N PRO B 214 2.06 10.87 4.71
CA PRO B 214 1.56 12.17 4.26
C PRO B 214 0.86 12.06 2.92
N VAL B 215 -0.18 12.89 2.76
CA VAL B 215 -0.92 12.94 1.53
C VAL B 215 -0.96 14.40 1.08
N LEU B 216 -1.47 14.60 -0.13
CA LEU B 216 -1.63 15.95 -0.65
C LEU B 216 -3.05 16.43 -0.35
N LEU B 217 -3.16 17.48 0.47
CA LEU B 217 -4.43 18.12 0.77
C LEU B 217 -4.56 19.33 -0.15
N PRO B 218 -5.48 19.30 -1.10
CA PRO B 218 -5.48 20.29 -2.19
C PRO B 218 -6.19 21.58 -1.82
N ASP B 219 -5.86 22.61 -2.59
CA ASP B 219 -6.73 23.79 -2.62
C ASP B 219 -8.06 23.41 -3.29
N ASN B 220 -9.07 24.27 -3.11
CA ASN B 220 -10.37 24.02 -3.73
C ASN B 220 -10.20 23.96 -5.25
N HIS B 221 -10.78 22.93 -5.87
CA HIS B 221 -10.63 22.78 -7.31
C HIS B 221 -11.70 21.84 -7.85
N TYR B 222 -11.66 21.60 -9.15
CA TYR B 222 -12.68 20.82 -9.83
C TYR B 222 -12.05 19.70 -10.64
N LEU B 223 -12.78 18.59 -10.76
CA LEU B 223 -12.57 17.60 -11.80
C LEU B 223 -13.66 17.79 -12.83
N SER B 224 -13.27 17.95 -14.09
CA SER B 224 -14.22 18.03 -15.20
C SER B 224 -14.29 16.64 -15.83
N THR B 225 -15.48 16.07 -15.90
CA THR B 225 -15.63 14.67 -16.27
C THR B 225 -16.39 14.54 -17.59
N GLN B 226 -16.10 13.45 -18.30
CA GLN B 226 -16.81 13.05 -19.50
C GLN B 226 -16.83 11.53 -19.52
N THR B 227 -17.96 10.95 -19.92
CA THR B 227 -18.14 9.50 -19.87
C THR B 227 -18.95 9.07 -21.08
N LYS B 228 -18.50 8.01 -21.75
CA LYS B 228 -19.20 7.44 -22.89
C LYS B 228 -19.60 6.02 -22.52
N LEU B 229 -20.87 5.70 -22.72
CA LEU B 229 -21.39 4.40 -22.33
C LEU B 229 -21.61 3.54 -23.56
N SER B 230 -21.25 2.26 -23.44
CA SER B 230 -21.56 1.28 -24.49
C SER B 230 -21.58 -0.13 -23.90
C3' NHE C . -4.47 -34.30 1.60
C2' NHE C . -2.96 -34.46 1.73
C1' NHE C . -2.19 -33.17 1.45
C6' NHE C . -3.08 -31.94 1.29
N NHE C . -1.30 -32.95 2.59
C1 NHE C . -0.28 -31.97 2.26
C2 NHE C . 0.07 -31.24 3.55
S NHE C . 1.68 -30.43 3.38
O1 NHE C . 2.70 -31.30 2.70
O2 NHE C . 2.33 -30.25 4.74
O3 NHE C . 1.54 -29.13 2.63
C5' NHE C . -4.26 -32.12 0.33
C4' NHE C . -4.84 -33.54 0.34
C3' NHE D . -2.93 -19.12 -0.46
C2' NHE D . -3.55 -18.96 0.93
C1' NHE D . -3.68 -20.27 1.70
C6' NHE D . -2.54 -21.25 1.42
N NHE D . -3.67 -19.96 3.15
C1 NHE D . -5.01 -19.61 3.62
C2 NHE D . -4.96 -19.11 5.08
S NHE D . -4.85 -20.52 6.22
O1 NHE D . -3.63 -21.36 5.91
O2 NHE D . -6.00 -21.47 5.97
O3 NHE D . -4.85 -20.00 7.64
C5' NHE D . -2.31 -21.56 -0.06
C4' NHE D . -2.95 -20.55 -1.01
C3' NHE E . 4.52 32.39 -0.99
C2' NHE E . 3.08 31.92 -1.13
C1' NHE E . 2.06 33.06 -1.26
C6' NHE E . 2.69 34.46 -1.26
N NHE E . 1.37 32.91 -2.53
C1 NHE E . 0.26 31.99 -2.38
C2 NHE E . -0.39 31.79 -3.75
S NHE E . -1.60 30.45 -3.61
O1 NHE E . -0.94 29.13 -3.83
O2 NHE E . -2.30 30.50 -2.27
O3 NHE E . -2.76 30.66 -4.58
C5' NHE E . 3.71 34.66 -0.14
C4' NHE E . 4.67 33.50 0.07
C3' NHE F . 3.02 21.67 -0.87
C2' NHE F . 1.80 21.58 0.04
C1' NHE F . 1.67 20.31 0.90
C6' NHE F . 3.02 19.60 1.11
N NHE F . 0.96 20.65 2.15
C1 NHE F . 1.43 20.02 3.37
C2 NHE F . 0.27 19.87 4.38
S NHE F . -0.61 21.44 4.73
O1 NHE F . -1.82 21.18 5.59
O2 NHE F . -1.21 22.00 3.46
O3 NHE F . 0.34 22.41 5.38
C5' NHE F . 3.79 19.34 -0.18
C4' NHE F . 3.48 20.29 -1.34
#